data_1QNL
#
_entry.id   1QNL
#
_cell.length_a   104.150
_cell.length_b   104.150
_cell.length_c   65.680
_cell.angle_alpha   90.00
_cell.angle_beta   90.00
_cell.angle_gamma   90.00
#
_symmetry.space_group_name_H-M   'P 42 21 2'
#
loop_
_entity.id
_entity.type
_entity.pdbx_description
1 polymer 'ALIPHATIC AMIDASE EXPRESSION-REGULATING PROTEIN'
2 non-polymer BUTYRAMIDE
3 water water
#
_entity_poly.entity_id   1
_entity_poly.type   'polypeptide(L)'
_entity_poly.pdbx_seq_one_letter_code
;MGSHQERPLIGLLFSETGVTADIERSQRYGALLAVEQLNREGGVGGRPIETLSQDPGGDPDRYRLCAEDFIRNRGVRFLV
GCYMSHTRKAVMPVVERADALLCYPNPYEGFEYSPNIVYGGPAPNQNSAPLAAYLIRHYGERVVFIGSDYIYPRESNHVM
RHLYRQHGGTVLEEIYIPLYPSDDDLQRAVERIYQARADVVFSTVVGTGTAELYRAIARRYGDGRRPPIASLTTSEAEVA
KMESDVAEGQVVVAPYFSSIDTPASRAFVQACHGFFPENATITAWAEAAYWQTLLLGRAAQAAGNWRVEDVQRHLYDIDI
DAPQGPVRVERQNNHSRLSSRIAEIDARGVFQVRWQSPEPIRPDPYVVVHNLDDWSASMGGGPLP
;
_entity_poly.pdbx_strand_id   A
#
loop_
_chem_comp.id
_chem_comp.type
_chem_comp.name
_chem_comp.formula
BMD non-polymer BUTYRAMIDE 'C4 H9 N O'
#
# COMPACT_ATOMS: atom_id res chain seq x y z
N PRO A 8 -19.70 5.67 -18.00
CA PRO A 8 -18.62 5.87 -16.99
C PRO A 8 -18.62 4.75 -15.96
N LEU A 9 -18.14 3.62 -16.45
CA LEU A 9 -18.02 2.36 -15.75
C LEU A 9 -16.61 2.01 -15.28
N ILE A 10 -16.45 1.82 -13.97
CA ILE A 10 -15.19 1.47 -13.34
C ILE A 10 -15.15 0.06 -12.73
N GLY A 11 -14.09 -0.70 -12.98
CA GLY A 11 -13.92 -2.05 -12.44
C GLY A 11 -13.07 -2.19 -11.20
N LEU A 12 -13.69 -2.62 -10.09
CA LEU A 12 -12.99 -2.78 -8.82
C LEU A 12 -12.38 -4.16 -8.67
N LEU A 13 -11.05 -4.23 -8.57
CA LEU A 13 -10.32 -5.50 -8.43
C LEU A 13 -9.68 -5.57 -7.04
N PHE A 14 -10.50 -5.93 -6.05
CA PHE A 14 -10.11 -6.03 -4.66
C PHE A 14 -10.72 -7.26 -3.99
N SER A 15 -9.86 -8.13 -3.46
CA SER A 15 -10.30 -9.34 -2.80
C SER A 15 -11.26 -9.08 -1.64
N GLU A 16 -12.20 -10.02 -1.52
CA GLU A 16 -13.15 -9.99 -0.42
C GLU A 16 -12.78 -11.11 0.57
N THR A 17 -12.13 -12.13 -0.01
CA THR A 17 -11.71 -13.27 0.78
C THR A 17 -10.23 -13.57 0.53
N GLY A 18 -9.55 -14.33 1.38
CA GLY A 18 -8.14 -14.63 1.12
C GLY A 18 -7.17 -13.87 2.03
N VAL A 19 -5.87 -14.19 1.88
CA VAL A 19 -4.82 -13.63 2.69
C VAL A 19 -4.93 -12.13 2.95
N THR A 20 -5.14 -11.33 1.91
CA THR A 20 -5.20 -9.88 2.13
C THR A 20 -6.57 -9.24 2.08
N ALA A 21 -7.63 -9.99 2.34
CA ALA A 21 -9.01 -9.51 2.25
C ALA A 21 -9.34 -8.32 3.12
N ASP A 22 -8.77 -8.23 4.30
CA ASP A 22 -9.02 -7.11 5.20
C ASP A 22 -8.50 -5.82 4.60
N ILE A 23 -7.27 -5.75 4.13
CA ILE A 23 -6.73 -4.51 3.59
C ILE A 23 -7.39 -4.15 2.26
N GLU A 24 -7.64 -5.17 1.43
CA GLU A 24 -8.26 -4.88 0.14
C GLU A 24 -9.68 -4.39 0.34
N ARG A 25 -10.35 -4.86 1.39
CA ARG A 25 -11.71 -4.39 1.67
C ARG A 25 -11.65 -2.92 2.09
N SER A 26 -10.66 -2.53 2.89
CA SER A 26 -10.50 -1.11 3.22
C SER A 26 -10.27 -0.34 1.91
N GLN A 27 -9.40 -0.82 1.02
CA GLN A 27 -9.14 -0.25 -0.28
C GLN A 27 -10.40 -0.10 -1.14
N ARG A 28 -11.20 -1.17 -1.20
CA ARG A 28 -12.42 -1.15 -2.00
C ARG A 28 -13.34 -0.01 -1.56
N TYR A 29 -13.50 0.10 -0.25
CA TYR A 29 -14.33 1.14 0.33
C TYR A 29 -13.75 2.52 0.11
N GLY A 30 -12.43 2.66 0.16
CA GLY A 30 -11.80 3.96 -0.09
C GLY A 30 -12.16 4.44 -1.51
N ALA A 31 -12.19 3.50 -2.43
CA ALA A 31 -12.56 3.74 -3.81
C ALA A 31 -14.07 3.97 -3.91
N LEU A 32 -14.92 3.17 -3.27
CA LEU A 32 -16.37 3.42 -3.37
C LEU A 32 -16.71 4.81 -2.85
N LEU A 33 -16.13 5.26 -1.76
CA LEU A 33 -16.33 6.59 -1.24
C LEU A 33 -16.06 7.69 -2.27
N ALA A 34 -14.94 7.58 -2.96
CA ALA A 34 -14.57 8.52 -4.01
C ALA A 34 -15.68 8.56 -5.06
N VAL A 35 -16.18 7.37 -5.44
CA VAL A 35 -17.23 7.32 -6.43
C VAL A 35 -18.48 8.07 -5.96
N GLU A 36 -18.87 7.80 -4.72
CA GLU A 36 -19.99 8.47 -4.08
C GLU A 36 -19.89 9.97 -4.33
N GLN A 37 -18.80 10.55 -3.84
CA GLN A 37 -18.52 11.97 -3.95
C GLN A 37 -18.47 12.55 -5.34
N LEU A 38 -17.90 11.84 -6.32
CA LEU A 38 -17.87 12.30 -7.71
C LEU A 38 -19.29 12.20 -8.28
N ASN A 39 -20.08 11.22 -7.80
CA ASN A 39 -21.44 11.02 -8.26
C ASN A 39 -22.38 12.06 -7.64
N ARG A 40 -22.21 12.17 -6.32
CA ARG A 40 -23.02 13.17 -5.59
C ARG A 40 -22.26 14.46 -5.65
N GLU A 41 -22.10 14.93 -6.85
CA GLU A 41 -21.50 16.11 -7.37
C GLU A 41 -21.89 16.13 -8.86
N GLY A 42 -23.14 15.64 -9.11
CA GLY A 42 -23.64 15.58 -10.48
C GLY A 42 -22.90 14.59 -11.39
N GLY A 43 -22.13 13.71 -10.77
CA GLY A 43 -21.53 12.58 -11.48
C GLY A 43 -20.40 13.15 -12.34
N VAL A 44 -20.42 12.74 -13.59
CA VAL A 44 -19.40 13.05 -14.56
C VAL A 44 -20.17 13.21 -15.87
N GLY A 45 -20.41 14.49 -16.15
CA GLY A 45 -21.13 14.89 -17.37
C GLY A 45 -22.58 14.48 -17.28
N GLY A 46 -23.14 14.70 -16.06
CA GLY A 46 -24.52 14.36 -15.85
C GLY A 46 -24.99 12.93 -15.91
N ARG A 47 -24.08 12.01 -16.29
CA ARG A 47 -24.30 10.60 -16.17
C ARG A 47 -23.56 10.21 -14.85
N PRO A 48 -24.10 9.20 -14.20
CA PRO A 48 -23.53 8.66 -12.98
C PRO A 48 -22.43 7.61 -13.22
N ILE A 49 -21.33 7.74 -12.46
CA ILE A 49 -20.29 6.71 -12.56
C ILE A 49 -20.76 5.43 -11.87
N GLU A 50 -20.70 4.31 -12.57
CA GLU A 50 -21.09 3.01 -11.98
C GLU A 50 -19.93 2.00 -11.91
N THR A 51 -19.39 1.51 -11.06
CA THR A 51 -18.55 0.47 -10.52
C THR A 51 -19.17 -0.93 -10.60
N LEU A 52 -18.26 -1.88 -10.75
CA LEU A 52 -18.38 -3.30 -10.83
C LEU A 52 -17.34 -3.91 -9.87
N SER A 53 -17.69 -4.95 -9.16
CA SER A 53 -16.82 -5.63 -8.24
C SER A 53 -16.94 -7.15 -8.39
N GLN A 54 -15.82 -7.81 -8.25
CA GLN A 54 -15.75 -9.27 -8.27
C GLN A 54 -14.72 -9.60 -7.19
N ASP A 55 -14.76 -10.79 -6.60
CA ASP A 55 -13.78 -11.13 -5.58
C ASP A 55 -12.75 -12.11 -6.08
N PRO A 56 -11.54 -11.62 -6.35
CA PRO A 56 -10.44 -12.45 -6.84
C PRO A 56 -9.82 -13.33 -5.77
N GLY A 57 -10.12 -13.13 -4.50
CA GLY A 57 -9.66 -13.97 -3.41
C GLY A 57 -8.16 -13.97 -3.23
N GLY A 58 -7.45 -12.95 -3.69
CA GLY A 58 -6.02 -12.85 -3.59
C GLY A 58 -5.24 -13.72 -4.54
N ASP A 59 -5.90 -14.41 -5.45
CA ASP A 59 -5.23 -15.32 -6.39
C ASP A 59 -4.92 -14.62 -7.69
N PRO A 60 -3.64 -14.54 -8.01
CA PRO A 60 -3.20 -13.92 -9.25
C PRO A 60 -3.97 -14.39 -10.47
N ASP A 61 -4.34 -15.65 -10.64
CA ASP A 61 -5.08 -16.09 -11.81
C ASP A 61 -6.52 -15.57 -11.84
N ARG A 62 -7.15 -15.46 -10.68
CA ARG A 62 -8.52 -15.00 -10.58
C ARG A 62 -8.53 -13.49 -10.83
N TYR A 63 -7.41 -12.82 -10.56
CA TYR A 63 -7.36 -11.39 -10.86
C TYR A 63 -7.33 -11.24 -12.39
N ARG A 64 -6.44 -12.02 -13.03
CA ARG A 64 -6.42 -11.98 -14.48
C ARG A 64 -7.85 -12.22 -15.01
N LEU A 65 -8.45 -13.35 -14.64
CA LEU A 65 -9.78 -13.71 -15.07
C LEU A 65 -10.79 -12.59 -14.87
N CYS A 66 -10.81 -12.00 -13.70
CA CYS A 66 -11.72 -10.93 -13.36
C CYS A 66 -11.48 -9.66 -14.18
N ALA A 67 -10.23 -9.29 -14.39
CA ALA A 67 -9.90 -8.11 -15.14
C ALA A 67 -10.25 -8.31 -16.62
N GLU A 68 -10.14 -9.79 -17.16
CA GLU A 68 -10.45 -10.33 -18.45
C GLU A 68 -11.94 -10.17 -18.68
N ASP A 69 -12.78 -10.44 -17.92
CA ASP A 69 -14.21 -10.47 -17.73
C ASP A 69 -14.80 -9.06 -17.74
N PHE A 70 -14.21 -8.21 -16.89
CA PHE A 70 -14.56 -6.82 -16.77
C PHE A 70 -14.31 -6.03 -18.06
N ILE A 71 -13.16 -6.29 -18.66
CA ILE A 71 -12.73 -5.64 -19.89
C ILE A 71 -13.45 -6.23 -21.10
N ARG A 72 -13.22 -7.66 -21.29
CA ARG A 72 -13.71 -8.29 -22.52
C ARG A 72 -15.20 -8.46 -22.58
N ASN A 73 -16.08 -8.32 -21.30
CA ASN A 73 -17.49 -8.64 -21.40
C ASN A 73 -18.37 -7.50 -20.88
N ARG A 74 -17.82 -6.61 -20.06
CA ARG A 74 -18.67 -5.54 -19.51
C ARG A 74 -18.13 -4.20 -20.01
N GLY A 75 -17.25 -4.33 -21.01
CA GLY A 75 -16.57 -3.24 -21.65
C GLY A 75 -15.93 -2.24 -20.70
N VAL A 76 -15.22 -2.68 -19.68
CA VAL A 76 -14.61 -1.76 -18.73
C VAL A 76 -13.23 -1.37 -19.23
N ARG A 77 -12.91 -0.08 -19.07
CA ARG A 77 -11.62 0.41 -19.55
C ARG A 77 -10.87 1.08 -18.40
N PHE A 78 -11.51 1.23 -17.25
CA PHE A 78 -10.93 1.88 -16.08
C PHE A 78 -11.00 0.97 -14.86
N LEU A 79 -9.85 0.65 -14.27
CA LEU A 79 -9.84 -0.22 -13.10
C LEU A 79 -9.04 0.34 -11.93
N VAL A 80 -9.49 0.12 -10.70
CA VAL A 80 -8.76 0.50 -9.50
C VAL A 80 -8.67 -0.80 -8.68
N GLY A 81 -7.48 -1.29 -8.36
CA GLY A 81 -7.37 -2.54 -7.63
C GLY A 81 -6.01 -3.22 -7.68
N CYS A 82 -5.98 -4.47 -7.24
CA CYS A 82 -4.77 -5.27 -7.10
C CYS A 82 -4.06 -4.86 -5.80
N TYR A 83 -3.47 -5.76 -5.03
CA TYR A 83 -2.75 -5.46 -3.80
C TYR A 83 -1.34 -6.03 -3.98
N MET A 84 -1.23 -7.34 -3.82
CA MET A 84 0.04 -8.07 -3.94
C MET A 84 0.57 -7.90 -5.36
N SER A 85 1.86 -7.67 -5.52
CA SER A 85 2.52 -7.45 -6.78
C SER A 85 2.37 -8.50 -7.87
N HIS A 86 2.39 -9.78 -7.51
CA HIS A 86 2.17 -10.86 -8.48
C HIS A 86 0.72 -10.71 -8.97
N THR A 87 -0.20 -10.25 -8.13
CA THR A 87 -1.56 -10.07 -8.61
C THR A 87 -1.65 -8.92 -9.62
N ARG A 88 -0.93 -7.83 -9.38
CA ARG A 88 -0.88 -6.68 -10.26
C ARG A 88 -0.26 -7.09 -11.60
N LYS A 89 0.83 -7.85 -11.55
CA LYS A 89 1.51 -8.29 -12.75
C LYS A 89 0.62 -9.23 -13.56
N ALA A 90 -0.20 -10.07 -12.93
CA ALA A 90 -1.03 -10.98 -13.73
C ALA A 90 -2.03 -10.15 -14.55
N VAL A 91 -2.58 -9.11 -13.96
CA VAL A 91 -3.52 -8.24 -14.67
C VAL A 91 -2.86 -7.30 -15.68
N MET A 92 -1.61 -6.88 -15.46
CA MET A 92 -0.92 -6.00 -16.38
C MET A 92 -1.07 -6.27 -17.87
N PRO A 93 -0.65 -7.40 -18.40
CA PRO A 93 -0.78 -7.70 -19.82
C PRO A 93 -2.18 -7.45 -20.37
N VAL A 94 -3.21 -7.77 -19.59
CA VAL A 94 -4.62 -7.63 -19.89
C VAL A 94 -5.02 -6.19 -20.13
N VAL A 95 -4.61 -5.31 -19.22
CA VAL A 95 -4.91 -3.90 -19.40
C VAL A 95 -4.12 -3.39 -20.59
N GLU A 96 -2.84 -3.69 -20.74
CA GLU A 96 -2.06 -3.28 -21.89
C GLU A 96 -2.65 -3.80 -23.19
N ARG A 97 -3.09 -5.06 -23.23
CA ARG A 97 -3.65 -5.59 -24.46
C ARG A 97 -4.90 -4.86 -24.90
N ALA A 98 -5.77 -4.53 -23.95
CA ALA A 98 -7.01 -3.85 -24.28
C ALA A 98 -6.95 -2.34 -24.14
N ASP A 99 -5.78 -1.71 -24.06
CA ASP A 99 -5.66 -0.28 -23.88
C ASP A 99 -6.41 0.26 -22.67
N ALA A 100 -6.62 -0.49 -21.60
CA ALA A 100 -7.36 0.05 -20.46
C ALA A 100 -6.41 0.68 -19.45
N LEU A 101 -6.92 1.37 -18.46
CA LEU A 101 -6.13 1.97 -17.41
C LEU A 101 -6.33 1.34 -16.04
N LEU A 102 -5.30 0.95 -15.32
CA LEU A 102 -5.49 0.43 -13.97
C LEU A 102 -4.75 1.33 -12.97
N CYS A 103 -5.44 1.65 -11.89
CA CYS A 103 -4.83 2.43 -10.83
C CYS A 103 -4.41 1.44 -9.75
N TYR A 104 -3.16 1.39 -9.38
CA TYR A 104 -2.67 0.50 -8.34
C TYR A 104 -2.36 1.28 -7.07
N PRO A 105 -3.32 1.44 -6.19
CA PRO A 105 -3.18 2.21 -4.97
C PRO A 105 -2.42 1.55 -3.83
N ASN A 106 -1.20 1.08 -4.05
CA ASN A 106 -0.40 0.32 -3.10
C ASN A 106 1.10 0.44 -3.14
N PRO A 107 1.75 0.18 -2.01
CA PRO A 107 3.20 0.18 -1.90
C PRO A 107 3.77 -1.01 -2.65
N TYR A 108 4.97 -0.91 -3.21
CA TYR A 108 5.51 -2.04 -3.96
C TYR A 108 6.99 -1.80 -4.27
N GLU A 109 7.66 -2.92 -4.55
CA GLU A 109 9.04 -3.07 -4.85
C GLU A 109 9.64 -2.25 -5.96
N GLY A 110 8.94 -1.69 -6.93
CA GLY A 110 9.58 -0.87 -7.96
C GLY A 110 9.94 -1.64 -9.21
N PHE A 111 10.85 -1.07 -10.00
CA PHE A 111 11.42 -1.70 -11.18
C PHE A 111 10.36 -2.22 -12.14
N GLU A 112 9.33 -1.41 -12.31
CA GLU A 112 8.25 -1.71 -13.22
C GLU A 112 7.69 -0.44 -13.85
N TYR A 113 7.27 -0.63 -15.08
CA TYR A 113 6.61 0.37 -15.86
C TYR A 113 5.63 -0.27 -16.85
N SER A 114 4.46 0.30 -16.87
CA SER A 114 3.34 0.06 -17.76
C SER A 114 2.73 1.42 -18.09
N PRO A 115 2.46 1.69 -19.36
CA PRO A 115 1.85 2.93 -19.78
C PRO A 115 0.42 2.98 -19.27
N ASN A 116 -0.20 1.81 -19.16
CA ASN A 116 -1.55 1.64 -18.67
C ASN A 116 -1.72 1.37 -17.18
N ILE A 117 -0.77 1.67 -16.31
CA ILE A 117 -0.90 1.46 -14.88
C ILE A 117 -0.50 2.75 -14.15
N VAL A 118 -1.32 3.24 -13.23
CA VAL A 118 -1.01 4.43 -12.46
C VAL A 118 -0.58 3.99 -11.07
N TYR A 119 0.68 4.22 -10.74
CA TYR A 119 1.22 3.78 -9.45
C TYR A 119 0.91 4.78 -8.35
N GLY A 120 -0.01 4.44 -7.46
CA GLY A 120 -0.50 5.29 -6.40
C GLY A 120 0.13 5.13 -5.04
N GLY A 121 0.81 4.02 -4.80
CA GLY A 121 1.49 3.85 -3.51
C GLY A 121 2.98 4.01 -3.77
N PRO A 122 3.74 4.17 -2.71
CA PRO A 122 5.16 4.41 -2.78
C PRO A 122 6.04 3.33 -3.39
N ALA A 123 7.04 3.80 -4.10
CA ALA A 123 8.12 2.98 -4.63
C ALA A 123 9.14 2.97 -3.51
N PRO A 124 10.17 2.12 -3.51
CA PRO A 124 11.13 1.99 -2.43
C PRO A 124 11.89 3.24 -2.01
N ASN A 125 12.18 4.18 -2.90
CA ASN A 125 12.82 5.44 -2.48
C ASN A 125 11.84 6.31 -1.68
N GLN A 126 10.55 6.06 -1.72
CA GLN A 126 9.50 6.76 -1.05
C GLN A 126 9.17 6.22 0.33
N ASN A 127 9.52 4.97 0.64
CA ASN A 127 9.22 4.45 1.98
C ASN A 127 10.43 3.79 2.64
N SER A 128 11.08 2.86 1.96
CA SER A 128 12.23 2.15 2.48
C SER A 128 13.45 3.05 2.74
N ALA A 129 13.78 3.93 1.83
CA ALA A 129 14.87 4.89 1.93
C ALA A 129 14.77 5.73 3.20
N PRO A 130 13.73 6.53 3.40
CA PRO A 130 13.57 7.26 4.63
C PRO A 130 13.61 6.32 5.83
N LEU A 131 12.79 5.26 5.77
CA LEU A 131 12.68 4.29 6.85
C LEU A 131 13.99 3.65 7.28
N ALA A 132 14.87 3.26 6.37
CA ALA A 132 16.13 2.63 6.75
C ALA A 132 16.95 3.56 7.65
N ALA A 133 16.98 4.84 7.28
CA ALA A 133 17.69 5.88 7.98
C ALA A 133 17.14 6.06 9.38
N TYR A 134 15.81 6.09 9.49
CA TYR A 134 15.16 6.26 10.79
C TYR A 134 15.54 5.07 11.67
N LEU A 135 15.29 3.86 11.21
CA LEU A 135 15.62 2.67 11.97
C LEU A 135 17.06 2.62 12.45
N ILE A 136 18.02 3.01 11.62
CA ILE A 136 19.43 2.97 11.96
C ILE A 136 19.87 4.08 12.90
N ARG A 137 19.47 5.20 12.70
CA ARG A 137 19.68 6.45 13.39
C ARG A 137 18.58 6.61 14.41
N HIS A 138 18.27 5.62 15.26
CA HIS A 138 17.17 5.59 16.20
C HIS A 138 16.95 4.24 16.89
N TYR A 139 17.47 3.14 16.36
CA TYR A 139 17.25 1.85 16.98
C TYR A 139 18.47 0.93 16.89
N GLY A 140 19.32 1.13 15.90
CA GLY A 140 20.48 0.23 15.79
C GLY A 140 20.76 -0.07 14.32
N GLU A 141 21.75 -0.92 14.06
CA GLU A 141 22.11 -1.19 12.67
C GLU A 141 21.92 -2.67 12.34
N ARG A 142 21.59 -3.44 13.37
CA ARG A 142 21.36 -4.87 13.14
C ARG A 142 19.87 -5.04 12.87
N VAL A 143 19.56 -5.79 11.83
CA VAL A 143 18.18 -6.01 11.39
C VAL A 143 18.01 -7.42 10.85
N VAL A 144 16.81 -7.96 11.00
CA VAL A 144 16.53 -9.27 10.40
C VAL A 144 15.27 -9.09 9.53
N PHE A 145 15.25 -9.67 8.33
CA PHE A 145 14.15 -9.53 7.41
C PHE A 145 13.24 -10.75 7.44
N ILE A 146 11.93 -10.57 7.62
CA ILE A 146 10.98 -11.67 7.56
C ILE A 146 9.87 -11.30 6.57
N GLY A 147 9.63 -12.12 5.55
CA GLY A 147 8.61 -11.74 4.56
C GLY A 147 7.74 -12.89 4.09
N SER A 148 6.61 -12.54 3.48
CA SER A 148 5.79 -13.60 2.87
C SER A 148 6.59 -14.07 1.66
N ASP A 149 6.44 -15.29 1.21
CA ASP A 149 7.24 -15.80 0.08
C ASP A 149 6.67 -15.55 -1.30
N TYR A 150 6.86 -14.34 -1.82
CA TYR A 150 6.41 -13.97 -3.15
C TYR A 150 7.29 -12.80 -3.62
N ILE A 151 7.04 -12.25 -4.81
CA ILE A 151 7.90 -11.23 -5.38
C ILE A 151 8.00 -9.92 -4.64
N TYR A 152 6.99 -9.42 -3.95
CA TYR A 152 7.12 -8.13 -3.26
C TYR A 152 8.17 -8.19 -2.15
N PRO A 153 8.04 -9.12 -1.20
CA PRO A 153 8.94 -9.26 -0.08
C PRO A 153 10.40 -9.41 -0.49
N ARG A 154 10.64 -10.30 -1.44
CA ARG A 154 11.97 -10.57 -1.95
C ARG A 154 12.59 -9.38 -2.63
N GLU A 155 11.89 -8.69 -3.52
CA GLU A 155 12.48 -7.51 -4.17
C GLU A 155 12.58 -6.33 -3.20
N SER A 156 11.64 -6.31 -2.25
CA SER A 156 11.63 -5.29 -1.22
C SER A 156 12.88 -5.42 -0.35
N ASN A 157 13.20 -6.67 0.01
CA ASN A 157 14.40 -6.88 0.82
C ASN A 157 15.66 -6.65 0.01
N HIS A 158 15.69 -7.04 -1.26
CA HIS A 158 16.81 -6.73 -2.13
C HIS A 158 17.25 -5.27 -1.99
N VAL A 159 16.32 -4.32 -2.12
CA VAL A 159 16.72 -2.91 -2.02
C VAL A 159 16.98 -2.54 -0.57
N MET A 160 16.22 -3.01 0.40
CA MET A 160 16.50 -2.73 1.80
C MET A 160 17.89 -3.19 2.24
N ARG A 161 18.42 -4.27 1.67
CA ARG A 161 19.76 -4.77 1.87
C ARG A 161 20.76 -3.71 1.37
N HIS A 162 20.52 -3.23 0.15
CA HIS A 162 21.37 -2.20 -0.42
C HIS A 162 21.39 -0.99 0.54
N LEU A 163 20.21 -0.60 0.98
CA LEU A 163 19.99 0.53 1.87
C LEU A 163 20.74 0.38 3.17
N TYR A 164 20.64 -0.79 3.80
CA TYR A 164 21.37 -1.04 5.05
C TYR A 164 22.87 -1.00 4.84
N ARG A 165 23.39 -1.52 3.74
CA ARG A 165 24.80 -1.48 3.43
C ARG A 165 25.29 -0.05 3.22
N GLN A 166 24.44 0.79 2.63
CA GLN A 166 24.81 2.17 2.41
C GLN A 166 25.14 2.80 3.76
N HIS A 167 24.21 2.69 4.72
CA HIS A 167 24.35 3.25 6.05
C HIS A 167 25.11 2.40 7.05
N GLY A 168 26.00 1.51 6.63
CA GLY A 168 26.76 0.64 7.49
C GLY A 168 26.02 -0.25 8.47
N GLY A 169 24.76 -0.56 8.20
CA GLY A 169 23.97 -1.43 9.05
C GLY A 169 24.27 -2.88 8.64
N THR A 170 23.60 -3.83 9.28
CA THR A 170 23.87 -5.23 9.00
C THR A 170 22.62 -6.10 8.85
N VAL A 171 22.49 -6.80 7.73
CA VAL A 171 21.37 -7.73 7.53
C VAL A 171 21.78 -9.09 8.10
N LEU A 172 21.18 -9.49 9.21
CA LEU A 172 21.54 -10.72 9.87
C LEU A 172 21.01 -11.99 9.25
N GLU A 173 19.73 -11.96 8.91
CA GLU A 173 19.02 -13.09 8.33
C GLU A 173 17.89 -12.61 7.44
N GLU A 174 17.57 -13.35 6.41
CA GLU A 174 16.47 -13.05 5.49
C GLU A 174 15.52 -14.25 5.54
N ILE A 175 14.38 -14.15 6.21
CA ILE A 175 13.47 -15.27 6.41
C ILE A 175 12.17 -15.15 5.64
N TYR A 176 11.69 -16.22 5.02
CA TYR A 176 10.45 -16.12 4.23
C TYR A 176 9.46 -17.16 4.65
N ILE A 177 8.19 -16.81 4.73
CA ILE A 177 7.16 -17.77 5.11
C ILE A 177 6.03 -17.74 4.10
N PRO A 178 5.37 -18.86 3.89
CA PRO A 178 4.26 -18.94 2.96
C PRO A 178 3.22 -17.87 3.23
N LEU A 179 2.47 -17.46 2.22
CA LEU A 179 1.37 -16.51 2.38
C LEU A 179 0.28 -17.09 3.25
N TYR A 180 0.04 -18.38 3.19
CA TYR A 180 -0.87 -19.12 4.03
C TYR A 180 -0.01 -20.05 4.92
N PRO A 181 0.56 -19.52 5.98
CA PRO A 181 1.50 -20.23 6.82
C PRO A 181 0.95 -21.05 7.98
N SER A 182 1.71 -22.10 8.29
CA SER A 182 1.31 -22.97 9.40
C SER A 182 1.97 -22.45 10.67
N ASP A 183 1.42 -22.78 11.83
CA ASP A 183 2.02 -22.32 13.08
C ASP A 183 3.47 -22.76 13.15
N ASP A 184 3.75 -23.98 12.68
CA ASP A 184 5.08 -24.53 12.57
C ASP A 184 6.02 -23.59 11.80
N ASP A 185 5.57 -23.13 10.64
CA ASP A 185 6.27 -22.18 9.81
C ASP A 185 6.51 -20.89 10.60
N LEU A 186 5.45 -20.43 11.26
CA LEU A 186 5.53 -19.22 12.07
C LEU A 186 6.49 -19.39 13.24
N GLN A 187 6.33 -20.51 13.92
CA GLN A 187 7.20 -20.83 15.06
C GLN A 187 8.66 -21.00 14.66
N ARG A 188 8.97 -21.64 13.54
CA ARG A 188 10.35 -21.81 13.11
C ARG A 188 11.01 -20.53 12.64
N ALA A 189 10.23 -19.52 12.25
CA ALA A 189 10.83 -18.28 11.75
C ALA A 189 11.07 -17.34 12.92
N VAL A 190 10.10 -17.31 13.85
CA VAL A 190 10.20 -16.47 15.02
C VAL A 190 11.42 -16.80 15.87
N GLU A 191 11.69 -18.09 15.95
CA GLU A 191 12.87 -18.65 16.60
C GLU A 191 14.12 -18.10 15.92
N ARG A 192 14.18 -18.20 14.59
CA ARG A 192 15.31 -17.62 13.87
C ARG A 192 15.39 -16.13 14.19
N ILE A 193 14.25 -15.42 14.06
CA ILE A 193 14.27 -14.00 14.40
C ILE A 193 14.70 -13.84 15.87
N TYR A 194 14.26 -14.43 16.92
CA TYR A 194 14.81 -14.39 18.25
C TYR A 194 16.32 -14.57 18.40
N GLN A 195 16.84 -15.72 17.96
CA GLN A 195 18.25 -16.04 17.99
C GLN A 195 19.14 -15.11 17.18
N ALA A 196 18.66 -14.28 16.40
CA ALA A 196 19.36 -13.40 15.48
C ALA A 196 19.89 -12.20 16.26
N ARG A 197 19.16 -11.80 17.29
CA ARG A 197 19.59 -10.73 18.17
C ARG A 197 19.80 -9.39 17.47
N ALA A 198 18.85 -9.03 16.60
CA ALA A 198 18.87 -7.77 15.88
C ALA A 198 18.25 -6.66 16.70
N ASP A 199 18.37 -5.43 16.23
CA ASP A 199 17.80 -4.26 16.86
C ASP A 199 16.42 -3.92 16.30
N VAL A 200 16.14 -4.41 15.10
CA VAL A 200 14.92 -4.17 14.35
C VAL A 200 14.55 -5.41 13.53
N VAL A 201 13.26 -5.59 13.40
CA VAL A 201 12.64 -6.62 12.58
C VAL A 201 11.94 -5.93 11.39
N PHE A 202 12.46 -6.15 10.18
CA PHE A 202 11.82 -5.53 9.02
C PHE A 202 10.86 -6.53 8.38
N SER A 203 9.57 -6.34 8.60
CA SER A 203 8.55 -7.22 8.08
C SER A 203 7.98 -6.85 6.72
N THR A 204 7.97 -7.83 5.83
CA THR A 204 7.36 -7.73 4.51
C THR A 204 6.36 -8.88 4.40
N VAL A 205 5.76 -9.18 5.54
CA VAL A 205 4.74 -10.21 5.65
C VAL A 205 3.41 -9.54 5.40
N VAL A 206 2.56 -10.07 4.54
CA VAL A 206 1.31 -9.35 4.25
C VAL A 206 0.06 -10.12 4.59
N GLY A 207 -1.07 -9.43 4.65
CA GLY A 207 -2.35 -10.01 4.94
C GLY A 207 -2.41 -10.59 6.34
N THR A 208 -3.18 -11.66 6.49
CA THR A 208 -3.46 -12.40 7.68
C THR A 208 -2.25 -12.88 8.47
N GLY A 209 -1.10 -13.19 7.88
CA GLY A 209 0.04 -13.66 8.63
C GLY A 209 0.74 -12.50 9.37
N THR A 210 0.36 -11.27 9.06
CA THR A 210 0.91 -10.09 9.70
C THR A 210 0.68 -10.13 11.22
N ALA A 211 -0.60 -10.09 11.58
CA ALA A 211 -0.99 -10.15 12.99
C ALA A 211 -0.40 -11.39 13.66
N GLU A 212 -0.57 -12.54 13.00
CA GLU A 212 -0.02 -13.78 13.50
C GLU A 212 1.47 -13.69 13.79
N LEU A 213 2.22 -13.09 12.89
CA LEU A 213 3.66 -12.93 13.03
C LEU A 213 4.01 -12.03 14.21
N TYR A 214 3.42 -10.84 14.28
CA TYR A 214 3.66 -9.88 15.35
C TYR A 214 3.32 -10.45 16.74
N ARG A 215 2.18 -11.13 16.82
CA ARG A 215 1.79 -11.76 18.09
C ARG A 215 2.88 -12.77 18.45
N ALA A 216 3.14 -13.68 17.51
CA ALA A 216 4.18 -14.68 17.68
C ALA A 216 5.50 -14.11 18.20
N ILE A 217 5.99 -13.03 17.61
CA ILE A 217 7.22 -12.40 18.02
C ILE A 217 7.13 -11.91 19.46
N ALA A 218 6.05 -11.17 19.71
CA ALA A 218 5.79 -10.66 21.05
C ALA A 218 5.97 -11.81 22.04
N ARG A 219 5.10 -12.80 21.90
CA ARG A 219 5.08 -13.98 22.74
C ARG A 219 6.39 -14.69 22.86
N ARG A 220 7.25 -14.78 21.86
CA ARG A 220 8.56 -15.44 22.04
C ARG A 220 9.45 -14.59 22.94
N TYR A 221 9.22 -13.28 22.97
CA TYR A 221 9.99 -12.35 23.79
C TYR A 221 9.30 -12.12 25.13
N GLY A 222 8.34 -12.43 25.50
CA GLY A 222 7.78 -12.30 26.81
C GLY A 222 7.80 -10.93 27.45
N ASP A 223 8.47 -10.86 28.61
CA ASP A 223 8.70 -9.59 29.33
C ASP A 223 10.03 -8.96 28.90
N GLY A 224 10.01 -7.63 28.76
CA GLY A 224 11.18 -6.87 28.35
C GLY A 224 11.69 -6.85 26.94
N ARG A 225 12.41 -5.77 26.62
CA ARG A 225 13.04 -5.44 25.37
C ARG A 225 13.07 -6.54 24.31
N ARG A 226 12.38 -6.24 23.22
CA ARG A 226 12.28 -6.94 21.97
C ARG A 226 12.28 -5.82 20.91
N PRO A 227 13.03 -6.08 19.90
CA PRO A 227 13.12 -5.08 18.83
C PRO A 227 11.77 -4.72 18.25
N PRO A 228 11.63 -3.51 17.74
CA PRO A 228 10.38 -3.10 17.11
C PRO A 228 10.14 -3.85 15.80
N ILE A 229 8.91 -3.84 15.27
CA ILE A 229 8.66 -4.47 13.97
C ILE A 229 8.30 -3.39 12.96
N ALA A 230 9.25 -3.04 12.09
CA ALA A 230 8.98 -2.05 11.07
C ALA A 230 8.44 -2.72 9.80
N SER A 231 7.46 -2.08 9.17
CA SER A 231 6.85 -2.60 7.95
C SER A 231 6.39 -1.50 7.00
N LEU A 232 6.25 -1.80 5.73
CA LEU A 232 5.82 -0.94 4.67
C LEU A 232 4.36 -1.20 4.31
N THR A 233 3.78 -2.22 4.95
CA THR A 233 2.42 -2.59 4.60
C THR A 233 1.47 -2.60 5.78
N THR A 234 1.96 -2.98 6.95
CA THR A 234 1.08 -3.11 8.11
C THR A 234 0.25 -1.86 8.29
N SER A 235 -1.06 -2.01 8.28
CA SER A 235 -1.90 -0.82 8.42
C SER A 235 -2.90 -1.04 9.54
N GLU A 236 -3.83 -0.10 9.68
CA GLU A 236 -4.90 -0.17 10.67
C GLU A 236 -5.69 -1.45 10.46
N ALA A 237 -5.70 -2.00 9.27
CA ALA A 237 -6.27 -3.26 8.87
C ALA A 237 -5.79 -4.48 9.65
N GLU A 238 -4.47 -4.62 9.70
CA GLU A 238 -3.84 -5.77 10.34
C GLU A 238 -3.59 -5.53 11.82
N VAL A 239 -3.43 -4.27 12.20
CA VAL A 239 -3.26 -3.92 13.61
C VAL A 239 -4.56 -4.15 14.36
N ALA A 240 -5.69 -4.05 13.68
CA ALA A 240 -7.02 -4.30 14.17
C ALA A 240 -7.27 -5.72 14.65
N LYS A 241 -6.35 -6.63 14.39
CA LYS A 241 -6.34 -8.02 14.73
C LYS A 241 -5.32 -8.35 15.81
N MET A 242 -4.66 -7.37 16.40
CA MET A 242 -3.67 -7.67 17.41
C MET A 242 -3.93 -7.00 18.76
N GLU A 243 -3.41 -7.66 19.79
CA GLU A 243 -3.45 -7.12 21.15
C GLU A 243 -2.57 -5.88 21.17
N SER A 244 -2.99 -4.88 21.91
CA SER A 244 -2.38 -3.59 22.12
C SER A 244 -0.89 -3.60 22.46
N ASP A 245 -0.49 -4.57 23.28
CA ASP A 245 0.89 -4.73 23.71
C ASP A 245 1.73 -5.28 22.55
N VAL A 246 1.06 -6.10 21.77
CA VAL A 246 1.63 -6.72 20.58
C VAL A 246 1.81 -5.64 19.52
N ALA A 247 0.77 -4.85 19.30
CA ALA A 247 0.78 -3.77 18.34
C ALA A 247 1.65 -2.59 18.73
N GLU A 248 1.56 -2.07 19.94
CA GLU A 248 2.33 -0.91 20.35
C GLU A 248 3.84 -0.96 20.13
N GLY A 249 4.39 0.19 19.72
CA GLY A 249 5.82 0.36 19.55
C GLY A 249 6.31 0.04 18.15
N GLN A 250 5.43 -0.57 17.36
CA GLN A 250 5.66 -1.00 16.02
C GLN A 250 5.81 0.15 15.02
N VAL A 251 6.75 0.02 14.11
CA VAL A 251 6.94 1.07 13.12
C VAL A 251 6.38 0.72 11.76
N VAL A 252 5.98 1.74 11.01
CA VAL A 252 5.41 1.71 9.69
C VAL A 252 5.59 3.05 8.96
N VAL A 253 6.03 2.95 7.70
CA VAL A 253 6.08 4.12 6.82
C VAL A 253 4.99 3.96 5.76
N ALA A 254 4.31 5.03 5.46
CA ALA A 254 3.27 5.11 4.45
C ALA A 254 2.95 6.61 4.27
N PRO A 255 2.36 6.98 3.15
CA PRO A 255 2.00 8.35 2.89
C PRO A 255 0.91 8.84 3.82
N TYR A 256 0.07 7.98 4.38
CA TYR A 256 -1.01 8.45 5.26
C TYR A 256 -1.36 7.68 6.49
N PHE A 257 -1.91 8.30 7.53
CA PHE A 257 -2.39 7.59 8.73
C PHE A 257 -3.73 8.19 9.13
N SER A 258 -4.75 7.39 9.44
CA SER A 258 -6.08 7.88 9.81
C SER A 258 -6.07 8.97 10.86
N SER A 259 -5.09 9.03 11.74
CA SER A 259 -4.92 10.02 12.77
C SER A 259 -4.09 11.25 12.43
N ILE A 260 -3.97 11.76 11.20
CA ILE A 260 -3.13 12.93 11.00
C ILE A 260 -3.94 14.23 10.89
N ASP A 261 -3.38 15.14 11.85
CA ASP A 261 -3.84 16.36 12.40
C ASP A 261 -4.74 17.33 11.61
N THR A 262 -4.85 17.48 10.65
CA THR A 262 -5.13 18.25 9.46
C THR A 262 -6.57 18.11 9.01
N PRO A 263 -7.11 19.19 8.44
CA PRO A 263 -8.47 19.21 7.95
C PRO A 263 -8.77 18.22 6.84
N ALA A 264 -7.83 17.97 5.92
CA ALA A 264 -8.14 17.00 4.85
C ALA A 264 -8.24 15.58 5.40
N SER A 265 -7.37 15.21 6.33
CA SER A 265 -7.44 13.89 6.95
C SER A 265 -8.76 13.75 7.70
N ARG A 266 -9.06 14.66 8.63
CA ARG A 266 -10.31 14.62 9.37
C ARG A 266 -11.51 14.61 8.42
N ALA A 267 -11.47 15.38 7.33
CA ALA A 267 -12.55 15.37 6.36
C ALA A 267 -12.78 13.96 5.80
N PHE A 268 -11.64 13.35 5.46
CA PHE A 268 -11.67 11.99 4.90
C PHE A 268 -12.13 11.00 5.96
N VAL A 269 -11.50 11.14 7.13
CA VAL A 269 -11.85 10.31 8.27
C VAL A 269 -13.33 10.38 8.63
N GLN A 270 -13.84 11.53 9.05
CA GLN A 270 -15.26 11.63 9.41
C GLN A 270 -16.19 11.21 8.29
N ALA A 271 -15.77 11.14 7.04
CA ALA A 271 -16.59 10.66 5.94
C ALA A 271 -16.45 9.14 5.84
N CYS A 272 -15.25 8.61 6.07
CA CYS A 272 -15.08 7.15 6.02
C CYS A 272 -15.99 6.52 7.06
N HIS A 273 -15.89 7.05 8.29
CA HIS A 273 -16.74 6.65 9.40
C HIS A 273 -18.22 6.63 9.01
N GLY A 274 -18.72 7.58 8.21
CA GLY A 274 -20.11 7.57 7.80
C GLY A 274 -20.42 6.76 6.56
N PHE A 275 -19.51 5.92 6.08
CA PHE A 275 -19.74 5.12 4.89
C PHE A 275 -19.19 3.70 4.95
N PHE A 276 -18.03 3.46 5.54
CA PHE A 276 -17.42 2.14 5.61
C PHE A 276 -18.16 1.18 6.51
N PRO A 277 -18.36 -0.05 6.10
CA PRO A 277 -19.00 -1.04 6.97
C PRO A 277 -18.08 -1.27 8.15
N GLU A 278 -18.58 -1.79 9.26
CA GLU A 278 -17.74 -2.02 10.44
C GLU A 278 -16.53 -2.89 10.16
N ASN A 279 -16.56 -3.84 9.24
CA ASN A 279 -15.41 -4.67 8.92
C ASN A 279 -14.46 -4.09 7.86
N ALA A 280 -14.46 -2.79 7.67
CA ALA A 280 -13.61 -2.04 6.77
C ALA A 280 -12.88 -0.97 7.59
N THR A 281 -11.56 -1.01 7.73
CA THR A 281 -10.91 0.04 8.51
C THR A 281 -10.41 1.17 7.63
N ILE A 282 -9.91 2.23 8.27
CA ILE A 282 -9.39 3.38 7.54
C ILE A 282 -7.87 3.30 7.53
N THR A 283 -7.34 3.05 6.34
CA THR A 283 -5.91 2.88 6.19
C THR A 283 -5.32 3.78 5.11
N ALA A 284 -3.99 3.79 5.05
CA ALA A 284 -3.23 4.48 4.02
C ALA A 284 -3.58 4.00 2.63
N TRP A 285 -3.94 2.71 2.50
CA TRP A 285 -4.25 2.14 1.20
C TRP A 285 -5.66 2.48 0.77
N ALA A 286 -6.53 2.74 1.74
CA ALA A 286 -7.90 3.19 1.43
C ALA A 286 -7.83 4.67 1.05
N GLU A 287 -6.80 5.36 1.54
CA GLU A 287 -6.58 6.76 1.22
C GLU A 287 -6.08 6.87 -0.23
N ALA A 288 -5.17 5.94 -0.57
CA ALA A 288 -4.62 5.87 -1.91
C ALA A 288 -5.65 5.50 -2.96
N ALA A 289 -6.59 4.61 -2.66
CA ALA A 289 -7.61 4.22 -3.64
C ALA A 289 -8.66 5.31 -3.80
N TYR A 290 -8.81 6.12 -2.76
CA TYR A 290 -9.72 7.26 -2.78
C TYR A 290 -9.17 8.37 -3.67
N TRP A 291 -7.91 8.77 -3.42
CA TRP A 291 -7.39 9.87 -4.23
C TRP A 291 -7.30 9.44 -5.69
N GLN A 292 -6.80 8.24 -5.93
CA GLN A 292 -6.68 7.75 -7.29
C GLN A 292 -8.03 7.77 -7.98
N THR A 293 -9.11 7.28 -7.36
CA THR A 293 -10.45 7.30 -7.95
C THR A 293 -10.92 8.72 -8.24
N LEU A 294 -10.78 9.66 -7.32
CA LEU A 294 -11.11 11.06 -7.55
C LEU A 294 -10.48 11.58 -8.84
N LEU A 295 -9.16 11.45 -8.89
CA LEU A 295 -8.35 11.88 -10.03
C LEU A 295 -8.87 11.29 -11.33
N LEU A 296 -9.14 9.98 -11.34
CA LEU A 296 -9.73 9.35 -12.51
C LEU A 296 -11.02 10.07 -12.88
N GLY A 297 -11.91 10.45 -11.95
CA GLY A 297 -13.13 11.17 -12.28
C GLY A 297 -12.84 12.60 -12.77
N ARG A 298 -12.10 13.33 -11.93
CA ARG A 298 -11.69 14.69 -12.26
C ARG A 298 -11.13 14.76 -13.68
N ALA A 299 -10.11 13.96 -14.00
CA ALA A 299 -9.60 13.97 -15.37
C ALA A 299 -10.77 13.82 -16.35
N ALA A 300 -11.63 12.81 -16.19
CA ALA A 300 -12.74 12.59 -17.11
C ALA A 300 -13.72 13.77 -17.21
N GLN A 301 -14.02 14.46 -16.12
CA GLN A 301 -14.83 15.67 -16.20
C GLN A 301 -14.13 16.65 -17.14
N ALA A 302 -12.86 16.92 -16.83
CA ALA A 302 -12.01 17.80 -17.60
C ALA A 302 -11.97 17.41 -19.06
N ALA A 303 -11.82 16.14 -19.38
CA ALA A 303 -11.84 15.71 -20.78
C ALA A 303 -13.27 15.76 -21.30
N GLY A 304 -14.20 15.67 -20.36
CA GLY A 304 -15.63 15.62 -20.58
C GLY A 304 -16.02 14.30 -21.22
N ASN A 305 -15.20 13.27 -21.05
CA ASN A 305 -15.43 11.99 -21.70
C ASN A 305 -14.74 10.85 -20.98
N TRP A 306 -15.28 9.66 -21.19
CA TRP A 306 -14.76 8.40 -20.68
C TRP A 306 -14.10 7.61 -21.79
N ARG A 307 -13.17 8.34 -22.37
CA ARG A 307 -12.32 7.69 -23.36
C ARG A 307 -10.97 7.62 -22.61
N VAL A 308 -10.10 6.29 -22.89
CA VAL A 308 -8.97 6.43 -21.98
C VAL A 308 -7.98 7.48 -22.45
N GLU A 309 -7.79 7.65 -23.76
CA GLU A 309 -6.82 8.66 -24.22
C GLU A 309 -7.20 10.03 -23.68
N ASP A 310 -8.45 10.44 -23.86
CA ASP A 310 -8.90 11.74 -23.40
C ASP A 310 -8.71 11.93 -21.89
N VAL A 311 -9.02 10.90 -21.10
CA VAL A 311 -8.84 10.98 -19.66
C VAL A 311 -7.33 10.94 -19.38
N GLN A 312 -6.59 10.06 -20.04
CA GLN A 312 -5.16 9.99 -19.76
C GLN A 312 -4.56 11.39 -19.85
N ARG A 313 -4.63 12.04 -21.00
CA ARG A 313 -4.12 13.39 -21.19
C ARG A 313 -4.12 14.21 -19.90
N HIS A 314 -5.32 14.45 -19.36
CA HIS A 314 -5.57 15.20 -18.16
C HIS A 314 -5.11 14.60 -16.84
N LEU A 315 -4.74 13.33 -16.81
CA LEU A 315 -4.31 12.64 -15.60
C LEU A 315 -3.14 13.29 -14.89
N TYR A 316 -2.11 13.66 -15.64
CA TYR A 316 -0.88 14.28 -15.21
C TYR A 316 -0.99 15.77 -14.99
N ASP A 317 -2.14 16.37 -15.29
CA ASP A 317 -2.38 17.79 -15.05
C ASP A 317 -3.34 17.97 -13.86
N ILE A 318 -3.68 17.13 -13.22
CA ILE A 318 -4.61 17.37 -12.10
C ILE A 318 -3.94 17.06 -10.78
N ASP A 319 -3.73 18.06 -9.90
CA ASP A 319 -3.02 17.79 -8.63
C ASP A 319 -4.13 17.68 -7.58
N ILE A 320 -3.99 16.69 -6.86
CA ILE A 320 -5.17 16.61 -6.03
C ILE A 320 -4.75 16.92 -4.58
N ASP A 321 -5.72 17.50 -3.86
CA ASP A 321 -5.51 17.77 -2.45
C ASP A 321 -6.16 16.61 -1.69
N ALA A 322 -5.36 15.54 -1.67
CA ALA A 322 -5.69 14.28 -1.05
C ALA A 322 -5.53 14.42 0.45
N PRO A 323 -6.23 13.57 1.19
CA PRO A 323 -6.11 13.51 2.63
C PRO A 323 -4.68 13.54 3.12
N GLN A 324 -3.71 12.92 2.44
CA GLN A 324 -2.33 12.94 2.86
C GLN A 324 -1.57 14.22 2.52
N GLY A 325 -2.14 15.08 1.70
CA GLY A 325 -1.45 16.28 1.26
C GLY A 325 -1.65 16.33 -0.26
N PRO A 326 -0.93 17.21 -0.94
CA PRO A 326 -1.04 17.34 -2.37
C PRO A 326 -0.38 16.17 -3.10
N VAL A 327 -1.09 15.56 -4.04
CA VAL A 327 -0.47 14.45 -4.77
C VAL A 327 -0.37 14.79 -6.26
N ARG A 328 0.33 14.30 -7.05
CA ARG A 328 0.36 14.39 -8.48
C ARG A 328 0.92 13.12 -9.07
N VAL A 329 0.96 12.33 -9.90
CA VAL A 329 1.24 11.40 -10.98
C VAL A 329 2.11 12.00 -12.09
N GLU A 330 3.38 11.63 -11.99
CA GLU A 330 4.38 12.00 -12.97
C GLU A 330 4.13 11.21 -14.26
N ARG A 331 4.12 11.91 -15.36
CA ARG A 331 3.97 11.29 -16.68
C ARG A 331 5.27 10.67 -17.13
N GLN A 332 6.40 10.94 -16.49
CA GLN A 332 7.66 10.35 -16.92
C GLN A 332 7.75 8.87 -16.61
N ASN A 333 7.02 8.37 -15.63
CA ASN A 333 7.03 6.98 -15.24
C ASN A 333 5.74 6.45 -14.63
N ASN A 334 4.65 7.18 -14.67
CA ASN A 334 3.35 6.85 -14.13
C ASN A 334 3.29 6.61 -12.63
N HIS A 335 4.19 7.16 -11.82
CA HIS A 335 4.14 6.92 -10.38
C HIS A 335 3.73 8.25 -9.75
N SER A 336 3.45 8.30 -8.44
CA SER A 336 2.98 9.54 -7.84
C SER A 336 3.93 10.20 -6.85
N ARG A 337 3.87 11.54 -6.77
CA ARG A 337 4.67 12.22 -5.75
C ARG A 337 3.79 12.12 -4.48
N LEU A 338 4.41 11.50 -3.49
CA LEU A 338 3.69 11.17 -2.28
C LEU A 338 4.39 11.62 -1.01
N SER A 339 3.55 11.80 0.00
CA SER A 339 4.07 12.13 1.33
C SER A 339 4.70 10.87 1.91
N SER A 340 5.52 11.02 2.93
CA SER A 340 6.19 9.86 3.54
C SER A 340 6.25 10.09 5.04
N ARG A 341 5.39 9.37 5.75
CA ARG A 341 5.33 9.57 7.20
C ARG A 341 5.76 8.28 7.87
N ILE A 342 6.48 8.37 8.98
CA ILE A 342 6.88 7.21 9.75
C ILE A 342 6.19 7.36 11.12
N ALA A 343 5.14 6.58 11.30
CA ALA A 343 4.36 6.59 12.53
C ALA A 343 4.73 5.43 13.47
N GLU A 344 4.48 5.65 14.76
CA GLU A 344 4.76 4.66 15.78
C GLU A 344 3.44 4.23 16.40
N ILE A 345 3.24 2.96 16.73
CA ILE A 345 1.92 2.57 17.27
C ILE A 345 1.82 2.77 18.77
N ASP A 346 0.70 3.37 19.17
CA ASP A 346 0.35 3.69 20.54
C ASP A 346 0.33 2.51 21.49
N ALA A 347 0.49 2.53 22.70
CA ALA A 347 0.03 1.47 23.61
C ALA A 347 -1.47 1.29 23.47
N ARG A 348 -2.23 2.17 22.86
CA ARG A 348 -3.65 1.98 22.65
C ARG A 348 -4.02 1.85 21.16
N GLY A 349 -2.95 1.55 20.36
CA GLY A 349 -3.00 1.19 18.97
C GLY A 349 -3.29 2.17 17.85
N VAL A 350 -3.04 3.46 18.23
CA VAL A 350 -3.11 4.48 17.19
C VAL A 350 -1.73 4.77 16.63
N PHE A 351 -1.74 5.02 15.32
CA PHE A 351 -0.48 5.34 14.66
C PHE A 351 -0.09 6.74 15.10
N GLN A 352 1.07 6.89 15.70
CA GLN A 352 1.59 8.17 16.14
C GLN A 352 2.76 8.59 15.28
N VAL A 353 2.48 9.44 14.29
CA VAL A 353 3.52 9.94 13.40
C VAL A 353 4.70 10.47 14.19
N ARG A 354 5.91 10.09 13.81
CA ARG A 354 7.14 10.53 14.45
C ARG A 354 8.00 11.37 13.50
N TRP A 355 7.77 11.17 12.21
CA TRP A 355 8.55 11.83 11.16
C TRP A 355 7.66 11.90 9.93
N GLN A 356 7.92 12.91 9.12
CA GLN A 356 7.14 13.21 7.93
C GLN A 356 8.08 13.98 7.01
N SER A 357 8.19 13.56 5.75
CA SER A 357 9.07 14.26 4.83
C SER A 357 8.58 15.70 4.63
N PRO A 358 9.53 16.62 4.54
CA PRO A 358 9.27 18.04 4.35
C PRO A 358 8.49 18.34 3.09
N GLU A 359 8.51 17.60 2.14
CA GLU A 359 7.64 17.71 0.96
C GLU A 359 7.45 16.30 0.37
N PRO A 360 6.31 16.10 -0.45
CA PRO A 360 6.19 14.83 -1.15
C PRO A 360 7.46 14.40 -1.86
N ILE A 361 7.74 13.10 -1.83
CA ILE A 361 8.94 12.59 -2.50
C ILE A 361 8.62 12.23 -3.95
N ARG A 362 9.37 12.73 -4.92
CA ARG A 362 9.09 12.36 -6.32
C ARG A 362 9.44 10.88 -6.45
N PRO A 363 8.73 10.13 -7.27
CA PRO A 363 8.99 8.71 -7.44
C PRO A 363 10.21 8.41 -8.30
N ASP A 364 10.91 7.37 -7.86
CA ASP A 364 12.08 6.89 -8.61
C ASP A 364 12.06 5.37 -8.57
N PRO A 365 11.23 4.74 -9.42
CA PRO A 365 11.10 3.29 -9.46
C PRO A 365 12.35 2.49 -9.78
N TYR A 366 13.30 3.06 -10.52
CA TYR A 366 14.56 2.34 -10.78
C TYR A 366 15.55 2.66 -9.66
N VAL A 367 15.44 2.04 -8.49
CA VAL A 367 16.19 2.29 -7.30
C VAL A 367 17.69 2.00 -7.37
N VAL A 368 18.50 3.04 -7.36
CA VAL A 368 19.95 3.04 -7.32
C VAL A 368 20.32 3.80 -6.02
N VAL A 369 20.51 3.04 -4.95
CA VAL A 369 20.81 3.61 -3.65
C VAL A 369 21.83 4.72 -3.69
N HIS A 370 23.06 4.52 -4.16
CA HIS A 370 24.04 5.60 -4.16
C HIS A 370 23.49 6.88 -4.75
N ASN A 371 22.72 6.95 -5.81
CA ASN A 371 22.14 8.18 -6.30
C ASN A 371 20.87 8.57 -5.54
N LEU A 372 20.61 8.02 -4.36
CA LEU A 372 19.42 8.33 -3.57
C LEU A 372 19.77 9.50 -2.64
N ASP A 373 18.76 10.28 -2.32
CA ASP A 373 18.94 11.37 -1.38
C ASP A 373 19.18 10.75 0.00
N ASP A 374 20.15 11.27 0.74
CA ASP A 374 20.36 10.65 2.06
C ASP A 374 19.57 11.37 3.14
N TRP A 375 18.64 10.61 3.73
CA TRP A 375 17.79 11.14 4.78
C TRP A 375 18.60 11.25 6.06
C3 BMD B . 1.00 -4.93 -0.85
C2 BMD B . 0.54 -4.39 -1.40
C1 BMD B . 3.13 -4.60 -0.78
CA BMD B . 3.04 -5.78 -2.25
OA BMD B . 2.57 -6.88 -3.04
NA BMD B . 3.31 -4.75 -3.57
#